data_7TA5
#
_entry.id   7TA5
#
_cell.length_a   99.781
_cell.length_b   99.781
_cell.length_c   348.493
_cell.angle_alpha   90.00
_cell.angle_beta   90.00
_cell.angle_gamma   120.00
#
_symmetry.space_group_name_H-M   'P 64 2 2'
#
loop_
_entity.id
_entity.type
_entity.pdbx_description
1 polymer 'Glutathione synthase'
2 non-polymer BICINE
3 non-polymer 'D(-)-TARTARIC ACID'
4 non-polymer 2-AMINO-2-HYDROXYMETHYL-PROPANE-1,3-DIOL
5 water water
#
_entity_poly.entity_id   1
_entity_poly.type   'polypeptide(L)'
_entity_poly.pdbx_seq_one_letter_code
;MSKSDYDSFYLSHFKYFLGPNPYLNTGALVFDFSISAPSKVLPLEDYHQEISQRFPQLESYPLTSYGELFAQTVAEVNQL
EMDLHLNLYSIKDERIAVQSLDYQTSIEVVDLVWDWWEAITKDQRFNYQFRLKKAQETFRFSPYGGPSSYALIESAYKRK
IPTFYLPEERLTQYGYGKYQIRGVSTTFNSDSHVDLDFTTVKDDCKGFLANCGFPVPQGYVVYSLREALNSAEDLGYPVV
VKPVIGHKGIGVTANIENDKELEFAYDRAVDASPNQRGQIIVEKYIPGADFRLLCVGGKFVAALERRPSYVIGDGRSTIY
DLIEDENESPARQDTPTSALSPILIDKSLENYLEQQGLSLDSILERDRLVYLRKVANISAGGVSINVTPTIHPDNIILAE
EIAQYFHIVCFGIDVISTDLSRSWKEGDFGIIEINAAPGIFMHLKPAIGDSIDVPGKILDYLFVSESTSRMPIITFNYLP
KQTLLEIVNLVLQSHPHWTVGSICQDGMWINKSPKPLPKDYNTGVLTLLRHPKLDLLIAEYSQDIFETEGMLYEGSDLII
LDEPTETEKILARDLRKEGILITKQENQVLIQRAEEQENYQLDELTSLSNLYEKQIYHLFERAENLYFQ
;
_entity_poly.pdbx_strand_id   A
#
# COMPACT_ATOMS: atom_id res chain seq x y z
N TYR A 6 20.46 -25.17 14.74
CA TYR A 6 20.72 -25.25 13.29
C TYR A 6 21.81 -26.27 13.02
N ASP A 7 21.39 -27.55 13.04
CA ASP A 7 22.32 -28.66 12.96
C ASP A 7 22.32 -29.28 11.58
N SER A 8 21.22 -29.15 10.84
CA SER A 8 21.08 -29.89 9.58
C SER A 8 21.55 -29.04 8.40
N PHE A 9 20.98 -27.83 8.31
CA PHE A 9 21.30 -26.93 7.22
C PHE A 9 21.89 -25.65 7.80
N TYR A 10 22.57 -24.91 6.92
CA TYR A 10 23.24 -23.70 7.39
C TYR A 10 23.22 -22.59 6.37
N LEU A 11 22.89 -21.37 6.82
CA LEU A 11 22.91 -20.21 5.94
C LEU A 11 23.91 -19.20 6.46
N SER A 12 24.64 -18.56 5.53
CA SER A 12 25.67 -17.61 5.94
C SER A 12 25.93 -16.54 4.88
N HIS A 13 26.81 -15.59 5.20
CA HIS A 13 27.24 -14.58 4.24
C HIS A 13 26.04 -13.80 3.68
N PHE A 14 25.22 -13.26 4.58
CA PHE A 14 24.04 -12.48 4.20
C PHE A 14 24.44 -11.08 3.74
N LYS A 15 23.80 -10.65 2.64
CA LYS A 15 23.95 -9.30 2.11
C LYS A 15 22.64 -8.76 1.55
N TYR A 16 22.33 -7.50 1.89
CA TYR A 16 21.09 -6.91 1.40
C TYR A 16 21.38 -5.75 0.46
N PHE A 17 20.71 -5.76 -0.69
CA PHE A 17 20.81 -4.69 -1.66
C PHE A 17 19.45 -4.01 -1.84
N LEU A 18 19.44 -2.66 -1.82
CA LEU A 18 18.23 -1.87 -2.00
C LEU A 18 17.70 -2.05 -3.41
N GLY A 19 18.63 -2.06 -4.37
CA GLY A 19 18.28 -2.08 -5.77
C GLY A 19 19.01 -3.21 -6.48
N PRO A 20 19.11 -3.10 -7.82
CA PRO A 20 19.73 -4.10 -8.67
C PRO A 20 21.17 -4.35 -8.23
N ASN A 21 21.58 -5.59 -8.43
CA ASN A 21 22.85 -6.01 -7.90
C ASN A 21 23.30 -7.15 -8.80
N PRO A 22 24.46 -7.77 -8.51
CA PRO A 22 24.97 -8.89 -9.31
C PRO A 22 24.06 -10.11 -9.38
N TYR A 23 23.06 -10.21 -8.50
CA TYR A 23 22.28 -11.43 -8.43
C TYR A 23 20.87 -11.29 -8.97
N LEU A 24 20.22 -10.18 -8.58
CA LEU A 24 18.90 -9.83 -9.09
C LEU A 24 18.90 -8.40 -9.64
N ASN A 25 17.96 -8.18 -10.54
CA ASN A 25 17.78 -6.92 -11.22
C ASN A 25 16.92 -5.96 -10.40
N THR A 26 16.59 -6.38 -9.17
CA THR A 26 15.84 -5.54 -8.26
C THR A 26 16.43 -5.71 -6.86
N GLY A 27 15.79 -5.12 -5.86
CA GLY A 27 16.31 -5.20 -4.50
C GLY A 27 16.24 -6.65 -4.01
N ALA A 28 17.19 -7.05 -3.17
CA ALA A 28 17.23 -8.45 -2.78
C ALA A 28 17.99 -8.74 -1.49
N LEU A 29 17.61 -9.84 -0.84
CA LEU A 29 18.42 -10.41 0.24
C LEU A 29 19.17 -11.61 -0.33
N VAL A 30 20.48 -11.60 -0.10
CA VAL A 30 21.34 -12.58 -0.74
C VAL A 30 22.08 -13.37 0.34
N PHE A 31 22.16 -14.70 0.19
CA PHE A 31 22.83 -15.53 1.20
C PHE A 31 23.37 -16.83 0.61
N ASP A 32 24.33 -17.44 1.33
CA ASP A 32 24.95 -18.70 0.93
C ASP A 32 24.33 -19.89 1.66
N PHE A 33 23.84 -20.83 0.85
CA PHE A 33 23.16 -22.03 1.31
C PHE A 33 24.12 -23.22 1.34
N SER A 34 24.17 -23.92 2.47
CA SER A 34 24.99 -25.13 2.55
C SER A 34 24.34 -26.16 3.49
N ILE A 35 24.89 -27.37 3.50
CA ILE A 35 24.41 -28.46 4.34
C ILE A 35 25.46 -28.82 5.41
N SER A 36 25.03 -28.81 6.68
CA SER A 36 25.89 -29.20 7.78
C SER A 36 25.92 -30.73 7.99
N ALA A 37 24.77 -31.39 7.81
CA ALA A 37 24.65 -32.81 8.14
C ALA A 37 24.08 -33.64 7.00
N PRO A 38 24.90 -33.99 5.98
CA PRO A 38 24.43 -34.72 4.80
C PRO A 38 23.82 -36.08 5.11
N SER A 39 24.19 -36.60 6.29
CA SER A 39 23.74 -37.88 6.80
C SER A 39 22.34 -37.79 7.41
N LYS A 40 21.85 -36.56 7.63
CA LYS A 40 20.55 -36.35 8.26
C LYS A 40 19.54 -35.82 7.24
N VAL A 41 20.02 -35.08 6.25
CA VAL A 41 19.13 -34.41 5.32
C VAL A 41 19.04 -35.23 4.03
N LEU A 42 18.94 -36.54 4.22
CA LEU A 42 19.04 -37.55 3.18
C LEU A 42 18.00 -37.37 2.08
N PRO A 43 16.70 -37.08 2.35
CA PRO A 43 15.73 -37.02 1.25
C PRO A 43 15.83 -35.67 0.56
N LEU A 44 15.40 -35.56 -0.71
CA LEU A 44 15.20 -34.24 -1.30
C LEU A 44 13.71 -34.16 -1.54
N GLU A 45 13.17 -35.35 -1.85
CA GLU A 45 11.78 -35.56 -2.24
C GLU A 45 10.87 -35.25 -1.05
N ASP A 46 11.32 -35.57 0.15
CA ASP A 46 10.46 -35.39 1.32
C ASP A 46 10.32 -33.92 1.63
N TYR A 47 11.38 -33.13 1.37
CA TYR A 47 11.27 -31.70 1.62
C TYR A 47 10.31 -31.16 0.59
N HIS A 48 10.51 -31.63 -0.65
CA HIS A 48 9.67 -31.22 -1.76
C HIS A 48 8.21 -31.46 -1.40
N GLN A 49 7.91 -32.66 -0.90
CA GLN A 49 6.53 -33.04 -0.64
C GLN A 49 5.93 -32.22 0.49
N GLU A 50 6.61 -32.03 1.62
CA GLU A 50 5.90 -31.31 2.67
C GLU A 50 5.66 -29.86 2.26
N ILE A 51 6.63 -29.32 1.52
CA ILE A 51 6.57 -27.93 1.13
C ILE A 51 5.53 -27.75 0.04
N SER A 52 5.50 -28.66 -0.94
CA SER A 52 4.55 -28.55 -2.04
C SER A 52 3.13 -28.84 -1.55
N GLN A 53 3.01 -29.60 -0.47
CA GLN A 53 1.67 -29.77 0.10
C GLN A 53 1.14 -28.42 0.56
N ARG A 54 2.00 -27.59 1.19
CA ARG A 54 1.60 -26.25 1.58
C ARG A 54 1.47 -25.33 0.36
N PHE A 55 2.36 -25.53 -0.62
CA PHE A 55 2.40 -24.71 -1.81
C PHE A 55 2.34 -25.58 -3.07
N PRO A 56 1.12 -26.08 -3.43
CA PRO A 56 0.93 -27.05 -4.52
C PRO A 56 1.37 -26.57 -5.90
N GLN A 57 1.50 -25.25 -6.05
CA GLN A 57 2.01 -24.69 -7.28
C GLN A 57 3.44 -25.16 -7.52
N LEU A 58 4.11 -25.65 -6.49
CA LEU A 58 5.49 -26.11 -6.63
C LEU A 58 5.54 -27.51 -7.22
N GLU A 59 4.40 -28.18 -7.32
CA GLU A 59 4.38 -29.53 -7.90
C GLU A 59 4.66 -29.43 -9.40
N SER A 60 4.58 -28.22 -9.96
CA SER A 60 4.82 -27.97 -11.38
C SER A 60 6.30 -27.75 -11.67
N TYR A 61 7.12 -27.70 -10.61
CA TYR A 61 8.52 -27.37 -10.73
C TYR A 61 9.35 -28.64 -10.74
N PRO A 62 10.48 -28.66 -11.48
CA PRO A 62 11.42 -29.78 -11.46
C PRO A 62 12.14 -29.75 -10.13
N LEU A 63 12.49 -30.93 -9.65
CA LEU A 63 13.24 -31.01 -8.41
C LEU A 63 14.70 -31.15 -8.80
N THR A 64 15.53 -30.21 -8.34
CA THR A 64 16.91 -30.15 -8.79
C THR A 64 17.85 -30.29 -7.59
N SER A 65 18.21 -29.15 -7.01
CA SER A 65 19.09 -29.12 -5.87
C SER A 65 18.33 -28.71 -4.62
N TYR A 66 18.99 -28.89 -3.48
CA TYR A 66 18.50 -28.46 -2.19
C TYR A 66 18.43 -26.94 -2.17
N GLY A 67 19.44 -26.33 -2.77
CA GLY A 67 19.53 -24.88 -2.80
C GLY A 67 18.36 -24.27 -3.56
N GLU A 68 18.07 -24.83 -4.75
CA GLU A 68 17.01 -24.25 -5.54
C GLU A 68 15.66 -24.45 -4.85
N LEU A 69 15.45 -25.63 -4.27
CA LEU A 69 14.18 -25.87 -3.59
C LEU A 69 14.02 -24.86 -2.46
N PHE A 70 15.12 -24.59 -1.74
CA PHE A 70 15.12 -23.65 -0.64
C PHE A 70 14.75 -22.26 -1.14
N ALA A 71 15.39 -21.85 -2.24
CA ALA A 71 15.15 -20.55 -2.83
C ALA A 71 13.68 -20.41 -3.21
N GLN A 72 13.11 -21.48 -3.79
CA GLN A 72 11.73 -21.43 -4.25
C GLN A 72 10.80 -21.29 -3.06
N THR A 73 11.14 -22.04 -2.00
CA THR A 73 10.32 -22.00 -0.80
C THR A 73 10.32 -20.59 -0.25
N VAL A 74 11.49 -19.97 -0.16
CA VAL A 74 11.58 -18.62 0.38
C VAL A 74 10.79 -17.66 -0.50
N ALA A 75 10.95 -17.77 -1.82
CA ALA A 75 10.26 -16.88 -2.74
C ALA A 75 8.74 -16.96 -2.54
N GLU A 76 8.20 -18.18 -2.30
CA GLU A 76 6.78 -18.35 -2.08
C GLU A 76 6.38 -17.76 -0.72
N VAL A 77 7.22 -17.98 0.28
CA VAL A 77 6.90 -17.49 1.61
C VAL A 77 6.91 -15.96 1.61
N ASN A 78 7.81 -15.35 0.82
CA ASN A 78 7.96 -13.89 0.79
C ASN A 78 6.67 -13.21 0.37
N GLN A 79 5.75 -13.95 -0.27
CA GLN A 79 4.51 -13.35 -0.72
C GLN A 79 3.61 -13.13 0.48
N LEU A 80 4.03 -13.71 1.60
CA LEU A 80 3.24 -13.88 2.81
C LEU A 80 1.88 -14.38 2.39
N GLU A 81 0.82 -13.67 2.77
CA GLU A 81 -0.47 -14.10 2.26
C GLU A 81 -1.14 -12.95 1.51
N MET A 82 -0.33 -11.96 1.14
CA MET A 82 -0.83 -10.74 0.53
C MET A 82 -0.52 -10.69 -0.97
N ASP A 83 -0.12 -11.85 -1.53
CA ASP A 83 0.26 -11.96 -2.94
C ASP A 83 1.25 -10.87 -3.30
N LEU A 84 2.20 -10.59 -2.41
CA LEU A 84 3.16 -9.56 -2.75
C LEU A 84 3.92 -10.03 -3.99
N HIS A 85 4.22 -9.08 -4.91
CA HIS A 85 4.88 -9.33 -6.19
C HIS A 85 6.36 -9.65 -5.96
N LEU A 86 6.63 -10.50 -4.97
CA LEU A 86 8.00 -10.78 -4.52
C LEU A 86 8.40 -12.24 -4.81
N ASN A 87 7.66 -12.91 -5.68
CA ASN A 87 7.95 -14.32 -5.93
C ASN A 87 9.03 -14.43 -7.00
N LEU A 88 10.26 -14.03 -6.66
CA LEU A 88 11.37 -13.95 -7.60
C LEU A 88 12.69 -14.30 -6.92
N TYR A 89 13.44 -15.21 -7.55
CA TYR A 89 14.68 -15.60 -6.95
C TYR A 89 15.70 -15.82 -8.05
N SER A 90 16.95 -15.82 -7.60
CA SER A 90 18.11 -16.06 -8.43
C SER A 90 19.02 -17.00 -7.65
N ILE A 91 19.41 -18.11 -8.28
CA ILE A 91 20.38 -18.98 -7.62
C ILE A 91 21.56 -19.28 -8.54
N LYS A 92 22.78 -19.16 -7.99
CA LYS A 92 23.97 -19.59 -8.71
C LYS A 92 25.05 -20.04 -7.73
N ASP A 93 25.58 -21.26 -7.94
CA ASP A 93 26.64 -21.80 -7.11
C ASP A 93 26.25 -21.77 -5.63
N GLU A 94 24.97 -22.08 -5.36
CA GLU A 94 24.42 -22.12 -4.01
C GLU A 94 24.28 -20.75 -3.33
N ARG A 95 24.55 -19.66 -4.07
CA ARG A 95 24.20 -18.35 -3.55
C ARG A 95 22.77 -18.02 -3.97
N ILE A 96 21.94 -17.70 -2.97
CA ILE A 96 20.52 -17.48 -3.20
C ILE A 96 20.17 -16.01 -2.99
N ALA A 97 19.51 -15.44 -3.98
CA ALA A 97 19.05 -14.08 -3.89
C ALA A 97 17.53 -14.08 -4.02
N VAL A 98 16.86 -13.35 -3.12
CA VAL A 98 15.42 -13.26 -3.25
C VAL A 98 15.02 -11.79 -3.20
N GLN A 99 14.03 -11.45 -4.01
CA GLN A 99 13.52 -10.10 -4.09
C GLN A 99 13.11 -9.66 -2.70
N SER A 100 13.45 -8.41 -2.35
CA SER A 100 13.22 -7.92 -1.00
C SER A 100 12.75 -6.47 -0.95
N LEU A 101 11.63 -6.24 -0.24
CA LEU A 101 11.14 -4.88 0.00
C LEU A 101 11.67 -4.32 1.30
N ASP A 102 11.88 -5.22 2.27
CA ASP A 102 12.27 -4.76 3.59
C ASP A 102 13.26 -5.74 4.20
N TYR A 103 14.41 -5.21 4.61
CA TYR A 103 15.50 -6.02 5.08
C TYR A 103 15.06 -6.91 6.23
N GLN A 104 14.42 -6.30 7.23
CA GLN A 104 14.09 -7.03 8.43
C GLN A 104 13.08 -8.14 8.10
N THR A 105 12.10 -7.78 7.28
CA THR A 105 11.04 -8.73 6.95
C THR A 105 11.62 -9.95 6.23
N SER A 106 12.52 -9.70 5.26
CA SER A 106 13.10 -10.73 4.43
C SER A 106 13.94 -11.67 5.27
N ILE A 107 14.66 -11.14 6.26
CA ILE A 107 15.43 -12.03 7.11
C ILE A 107 14.48 -12.94 7.86
N GLU A 108 13.43 -12.34 8.41
CA GLU A 108 12.51 -13.14 9.20
C GLU A 108 11.98 -14.29 8.35
N VAL A 109 11.69 -14.01 7.07
CA VAL A 109 11.19 -15.06 6.19
C VAL A 109 12.23 -16.15 6.01
N VAL A 110 13.47 -15.74 5.77
CA VAL A 110 14.49 -16.74 5.52
C VAL A 110 14.69 -17.60 6.77
N ASP A 111 14.73 -16.97 7.96
CA ASP A 111 14.87 -17.72 9.22
C ASP A 111 13.69 -18.68 9.34
N LEU A 112 12.48 -18.21 8.99
CA LEU A 112 11.28 -19.03 9.08
C LEU A 112 11.54 -20.32 8.31
N VAL A 113 11.98 -20.17 7.06
CA VAL A 113 12.14 -21.32 6.21
C VAL A 113 13.25 -22.21 6.73
N TRP A 114 14.35 -21.60 7.19
CA TRP A 114 15.46 -22.35 7.75
C TRP A 114 15.00 -23.22 8.91
N ASP A 115 14.28 -22.64 9.88
CA ASP A 115 13.79 -23.34 11.05
C ASP A 115 12.82 -24.42 10.62
N TRP A 116 12.02 -24.10 9.60
CA TRP A 116 11.06 -25.04 9.06
C TRP A 116 11.81 -26.25 8.55
N TRP A 117 12.88 -26.04 7.79
CA TRP A 117 13.62 -27.18 7.25
C TRP A 117 14.30 -27.99 8.35
N GLU A 118 14.74 -27.33 9.44
CA GLU A 118 15.33 -28.06 10.54
C GLU A 118 14.26 -29.00 11.09
N ALA A 119 13.02 -28.46 11.22
CA ALA A 119 11.89 -29.22 11.71
C ALA A 119 11.51 -30.33 10.73
N ILE A 120 11.58 -30.07 9.43
CA ILE A 120 11.19 -31.11 8.48
C ILE A 120 12.13 -32.30 8.69
N THR A 121 13.41 -31.97 8.88
CA THR A 121 14.46 -32.95 9.06
C THR A 121 14.29 -33.71 10.38
N LYS A 122 13.91 -33.02 11.45
CA LYS A 122 13.85 -33.58 12.80
C LYS A 122 12.44 -34.00 13.25
N ASP A 123 11.77 -33.14 14.02
CA ASP A 123 10.53 -33.48 14.72
C ASP A 123 9.30 -32.74 14.19
N GLN A 124 9.40 -32.16 12.98
CA GLN A 124 8.28 -31.54 12.28
C GLN A 124 7.53 -30.59 13.23
N ARG A 125 6.21 -30.69 13.27
CA ARG A 125 5.39 -29.91 14.18
C ARG A 125 5.81 -28.43 14.17
N PHE A 126 5.99 -27.88 12.98
CA PHE A 126 6.48 -26.52 12.86
C PHE A 126 5.32 -25.54 12.95
N ASN A 127 5.44 -24.55 13.83
CA ASN A 127 4.35 -23.60 13.96
C ASN A 127 4.40 -22.53 12.89
N TYR A 128 4.01 -22.92 11.67
CA TYR A 128 4.11 -22.07 10.50
C TYR A 128 3.30 -20.80 10.71
N GLN A 129 2.07 -20.97 11.19
CA GLN A 129 1.14 -19.86 11.30
C GLN A 129 1.70 -18.79 12.23
N PHE A 130 2.30 -19.24 13.32
CA PHE A 130 2.80 -18.28 14.28
C PHE A 130 3.94 -17.49 13.66
N ARG A 131 4.88 -18.20 13.02
CA ARG A 131 6.08 -17.57 12.48
C ARG A 131 5.70 -16.64 11.34
N LEU A 132 4.69 -17.06 10.56
CA LEU A 132 4.25 -16.23 9.45
C LEU A 132 3.63 -14.96 10.00
N LYS A 133 2.77 -15.11 11.02
CA LYS A 133 2.10 -13.94 11.57
C LYS A 133 3.15 -12.93 12.00
N LYS A 134 4.26 -13.41 12.58
CA LYS A 134 5.33 -12.52 13.05
C LYS A 134 5.90 -11.75 11.88
N ALA A 135 6.19 -12.47 10.79
CA ALA A 135 6.76 -11.85 9.61
C ALA A 135 5.80 -10.82 9.04
N GLN A 136 4.50 -11.14 9.02
CA GLN A 136 3.46 -10.26 8.49
C GLN A 136 3.45 -8.98 9.30
N GLU A 137 3.56 -9.11 10.62
CA GLU A 137 3.51 -7.94 11.48
C GLU A 137 4.74 -7.09 11.24
N THR A 138 5.90 -7.72 11.05
CA THR A 138 7.09 -6.95 10.81
C THR A 138 6.91 -6.18 9.52
N PHE A 139 6.41 -6.85 8.49
CA PHE A 139 6.25 -6.23 7.20
C PHE A 139 5.35 -5.01 7.32
N ARG A 140 4.26 -5.16 8.08
CA ARG A 140 3.29 -4.09 8.26
C ARG A 140 3.90 -2.78 8.76
N PHE A 141 5.08 -2.81 9.40
CA PHE A 141 5.66 -1.58 9.88
C PHE A 141 6.80 -1.07 9.00
N SER A 142 7.08 -1.82 7.92
CA SER A 142 7.96 -1.33 6.89
C SER A 142 7.21 -0.20 6.17
N PRO A 143 7.92 0.64 5.40
CA PRO A 143 7.29 1.69 4.62
C PRO A 143 6.24 1.21 3.62
N TYR A 144 6.29 -0.07 3.28
CA TYR A 144 5.34 -0.58 2.32
C TYR A 144 4.33 -1.52 2.98
N GLY A 145 4.33 -1.49 4.31
CA GLY A 145 3.47 -2.37 5.08
C GLY A 145 1.98 -2.08 4.87
N GLY A 146 1.66 -0.78 4.74
CA GLY A 146 0.29 -0.34 4.58
C GLY A 146 -0.19 -0.66 3.17
N PRO A 147 -1.34 -1.33 3.01
CA PRO A 147 -1.72 -1.93 1.73
C PRO A 147 -2.04 -0.91 0.64
N SER A 148 -2.40 0.30 1.05
CA SER A 148 -2.68 1.32 0.07
C SER A 148 -1.37 1.84 -0.52
N SER A 149 -0.27 1.74 0.22
CA SER A 149 1.01 2.20 -0.27
C SER A 149 1.57 1.10 -1.14
N TYR A 150 1.37 -0.14 -0.67
CA TYR A 150 1.89 -1.28 -1.37
C TYR A 150 1.27 -1.36 -2.77
N ALA A 151 -0.04 -1.18 -2.84
CA ALA A 151 -0.77 -1.28 -4.10
C ALA A 151 -0.18 -0.33 -5.14
N LEU A 152 0.22 0.85 -4.68
CA LEU A 152 0.79 1.83 -5.60
C LEU A 152 2.15 1.35 -6.10
N ILE A 153 2.89 0.66 -5.24
CA ILE A 153 4.19 0.18 -5.64
C ILE A 153 4.00 -0.89 -6.70
N GLU A 154 3.07 -1.83 -6.42
CA GLU A 154 2.84 -2.96 -7.32
C GLU A 154 2.41 -2.39 -8.66
N SER A 155 1.53 -1.38 -8.62
CA SER A 155 1.08 -0.76 -9.84
C SER A 155 2.25 -0.07 -10.54
N ALA A 156 3.04 0.72 -9.81
CA ALA A 156 4.16 1.39 -10.45
C ALA A 156 5.10 0.37 -11.11
N TYR A 157 5.29 -0.77 -10.44
CA TYR A 157 6.11 -1.80 -11.03
C TYR A 157 5.54 -2.23 -12.40
N LYS A 158 4.27 -2.62 -12.45
CA LYS A 158 3.70 -3.11 -13.70
C LYS A 158 3.62 -1.99 -14.73
N ARG A 159 3.60 -0.73 -14.29
CA ARG A 159 3.53 0.40 -15.22
C ARG A 159 4.94 0.83 -15.66
N LYS A 160 5.99 0.20 -15.11
CA LYS A 160 7.39 0.54 -15.37
C LYS A 160 7.75 1.96 -14.93
N ILE A 161 7.19 2.37 -13.79
CA ILE A 161 7.52 3.62 -13.17
C ILE A 161 8.43 3.29 -12.00
N PRO A 162 9.67 3.78 -12.03
CA PRO A 162 10.64 3.49 -10.96
C PRO A 162 10.14 4.04 -9.64
N THR A 163 10.42 3.28 -8.58
CA THR A 163 10.09 3.77 -7.25
C THR A 163 11.28 3.56 -6.34
N PHE A 164 11.45 4.49 -5.40
CA PHE A 164 12.41 4.25 -4.35
C PHE A 164 12.03 5.09 -3.14
N TYR A 165 12.69 4.80 -2.01
CA TYR A 165 12.29 5.41 -0.77
C TYR A 165 13.28 6.48 -0.36
N LEU A 166 12.73 7.61 0.10
CA LEU A 166 13.47 8.78 0.52
C LEU A 166 13.35 8.85 2.04
N PRO A 167 14.34 8.31 2.76
CA PRO A 167 14.22 8.09 4.21
C PRO A 167 14.20 9.38 5.02
N GLU A 168 14.74 10.48 4.50
CA GLU A 168 14.73 11.70 5.28
C GLU A 168 13.36 12.38 5.17
N GLU A 169 12.59 11.99 4.16
CA GLU A 169 11.33 12.65 3.89
C GLU A 169 10.20 11.72 4.26
N ARG A 170 10.55 10.43 4.30
CA ARG A 170 9.61 9.37 4.64
C ARG A 170 8.58 9.32 3.53
N LEU A 171 9.05 9.52 2.29
CA LEU A 171 8.22 9.48 1.10
C LEU A 171 8.73 8.41 0.12
N THR A 172 7.80 7.96 -0.72
CA THR A 172 8.15 7.18 -1.88
C THR A 172 8.26 8.15 -3.06
N GLN A 173 9.36 8.04 -3.80
CA GLN A 173 9.45 8.80 -5.03
C GLN A 173 9.08 7.90 -6.20
N TYR A 174 8.25 8.46 -7.08
CA TYR A 174 7.83 7.82 -8.30
C TYR A 174 8.44 8.59 -9.47
N GLY A 175 9.22 7.89 -10.29
CA GLY A 175 9.87 8.54 -11.40
C GLY A 175 11.19 9.20 -11.02
N TYR A 176 11.96 9.59 -12.03
CA TYR A 176 13.30 10.11 -11.80
C TYR A 176 13.42 11.56 -12.29
N GLY A 177 14.28 12.30 -11.58
CA GLY A 177 14.64 13.66 -11.93
C GLY A 177 13.43 14.59 -12.03
N LYS A 178 13.36 15.26 -13.17
CA LYS A 178 12.33 16.26 -13.40
C LYS A 178 10.96 15.64 -13.60
N TYR A 179 10.85 14.32 -13.68
CA TYR A 179 9.55 13.72 -13.92
C TYR A 179 8.90 13.29 -12.61
N GLN A 180 9.58 13.58 -11.47
CA GLN A 180 9.25 12.98 -10.19
C GLN A 180 7.92 13.43 -9.61
N ILE A 181 7.27 12.46 -8.95
CA ILE A 181 6.12 12.60 -8.06
C ILE A 181 6.59 12.05 -6.73
N ARG A 182 6.25 12.71 -5.62
CA ARG A 182 6.55 12.10 -4.34
C ARG A 182 5.25 11.94 -3.56
N GLY A 183 5.20 10.88 -2.74
CA GLY A 183 3.99 10.69 -1.96
C GLY A 183 4.13 9.72 -0.79
N VAL A 184 3.08 9.72 0.03
CA VAL A 184 3.11 8.94 1.27
C VAL A 184 2.14 7.79 1.14
N SER A 185 0.92 8.09 0.72
CA SER A 185 0.04 6.99 0.39
C SER A 185 -0.82 7.47 -0.76
N THR A 186 -1.98 8.01 -0.42
CA THR A 186 -2.90 8.47 -1.43
C THR A 186 -2.77 9.99 -1.49
N THR A 187 -1.87 10.44 -0.63
CA THR A 187 -1.50 11.84 -0.57
C THR A 187 -0.15 12.04 -1.22
N PHE A 188 -0.06 13.09 -2.06
CA PHE A 188 1.07 13.39 -2.92
C PHE A 188 1.51 14.84 -2.79
N ASN A 189 2.69 15.11 -3.35
CA ASN A 189 3.35 16.37 -3.07
C ASN A 189 2.68 17.53 -3.82
N SER A 190 1.86 17.22 -4.82
CA SER A 190 1.09 18.28 -5.48
C SER A 190 -0.09 18.75 -4.63
N ASP A 191 -0.49 17.95 -3.62
CA ASP A 191 -1.67 18.23 -2.81
C ASP A 191 -1.44 19.49 -1.99
N SER A 192 -2.45 20.38 -2.02
CA SER A 192 -2.33 21.70 -1.44
C SER A 192 -2.42 21.66 0.07
N HIS A 193 -1.44 22.28 0.75
CA HIS A 193 -1.49 22.33 2.20
C HIS A 193 -2.82 22.88 2.71
N VAL A 194 -3.20 24.03 2.14
CA VAL A 194 -4.35 24.76 2.63
C VAL A 194 -5.58 23.88 2.43
N ASP A 195 -5.70 23.33 1.21
CA ASP A 195 -6.86 22.55 0.89
C ASP A 195 -6.98 21.32 1.78
N LEU A 196 -5.86 20.69 2.13
CA LEU A 196 -5.91 19.52 3.00
C LEU A 196 -6.35 19.93 4.36
N ASP A 197 -5.73 20.99 4.89
CA ASP A 197 -5.91 21.42 6.27
C ASP A 197 -7.39 21.66 6.49
N PHE A 198 -8.02 22.24 5.45
CA PHE A 198 -9.41 22.64 5.54
C PHE A 198 -10.30 21.42 5.73
N THR A 199 -9.89 20.23 5.27
CA THR A 199 -10.80 19.10 5.34
C THR A 199 -10.80 18.50 6.74
N THR A 200 -9.90 18.99 7.60
CA THR A 200 -9.83 18.50 8.96
C THR A 200 -10.75 19.31 9.87
N VAL A 201 -11.35 20.36 9.32
CA VAL A 201 -12.21 21.21 10.10
C VAL A 201 -13.66 20.94 9.74
N LYS A 202 -14.32 20.08 10.51
CA LYS A 202 -15.63 19.60 10.07
C LYS A 202 -16.63 20.76 9.93
N ASP A 203 -16.59 21.76 10.82
CA ASP A 203 -17.69 22.72 10.83
C ASP A 203 -17.55 23.70 9.69
N ASP A 204 -16.32 24.12 9.43
CA ASP A 204 -16.14 25.10 8.38
C ASP A 204 -16.31 24.42 7.03
N CYS A 205 -15.90 23.15 6.99
CA CYS A 205 -15.99 22.40 5.76
C CYS A 205 -17.47 22.20 5.40
N LYS A 206 -18.28 21.79 6.38
CA LYS A 206 -19.70 21.59 6.17
C LYS A 206 -20.38 22.92 5.82
N GLY A 207 -19.98 24.00 6.48
CA GLY A 207 -20.57 25.30 6.19
C GLY A 207 -20.33 25.70 4.74
N PHE A 208 -19.07 25.54 4.34
CA PHE A 208 -18.66 25.87 2.99
C PHE A 208 -19.43 25.06 1.96
N LEU A 209 -19.50 23.74 2.19
CA LEU A 209 -20.19 22.91 1.23
C LEU A 209 -21.67 23.28 1.19
N ALA A 210 -22.27 23.55 2.36
CA ALA A 210 -23.69 23.87 2.41
C ALA A 210 -23.95 25.12 1.57
N ASN A 211 -23.01 26.06 1.59
CA ASN A 211 -23.19 27.32 0.90
C ASN A 211 -22.99 27.16 -0.59
N CYS A 212 -22.56 25.98 -1.02
CA CYS A 212 -22.30 25.73 -2.42
C CYS A 212 -23.50 24.96 -3.00
N GLY A 213 -24.51 24.75 -2.14
CA GLY A 213 -25.71 24.07 -2.53
C GLY A 213 -25.58 22.56 -2.39
N PHE A 214 -24.62 22.08 -1.61
CA PHE A 214 -24.49 20.64 -1.46
C PHE A 214 -25.39 20.15 -0.34
N PRO A 215 -25.84 18.87 -0.44
CA PRO A 215 -26.71 18.23 0.56
C PRO A 215 -26.01 17.88 1.86
N VAL A 216 -25.74 18.92 2.64
CA VAL A 216 -25.09 18.79 3.93
C VAL A 216 -26.17 18.68 5.01
N PRO A 217 -26.13 17.67 5.90
CA PRO A 217 -27.06 17.52 7.04
C PRO A 217 -26.98 18.74 7.93
N GLN A 218 -28.13 19.17 8.46
CA GLN A 218 -28.21 20.36 9.30
C GLN A 218 -28.26 19.96 10.76
N GLY A 219 -27.67 20.80 11.62
CA GLY A 219 -27.35 20.43 12.98
C GLY A 219 -27.22 21.64 13.89
N TYR A 220 -27.21 21.36 15.21
CA TYR A 220 -27.20 22.37 16.25
C TYR A 220 -26.39 21.86 17.45
N VAL A 222 -24.09 21.83 21.08
CA VAL A 222 -24.91 21.43 22.26
C VAL A 222 -24.01 21.19 23.46
N TYR A 223 -24.28 21.87 24.57
CA TYR A 223 -23.54 21.56 25.78
C TYR A 223 -24.41 20.84 26.78
N SER A 224 -25.68 21.25 26.84
CA SER A 224 -26.69 20.77 27.77
C SER A 224 -27.74 19.93 27.05
N LEU A 225 -28.57 19.19 27.81
CA LEU A 225 -29.66 18.44 27.20
C LEU A 225 -30.68 19.41 26.61
N ARG A 226 -30.83 20.58 27.23
CA ARG A 226 -31.79 21.57 26.76
C ARG A 226 -31.45 21.95 25.32
N GLU A 227 -30.16 22.13 25.04
CA GLU A 227 -29.72 22.47 23.70
C GLU A 227 -29.94 21.30 22.75
N ALA A 228 -29.73 20.07 23.25
CA ALA A 228 -30.00 18.91 22.42
C ALA A 228 -31.45 18.94 21.97
N LEU A 229 -32.35 19.26 22.92
CA LEU A 229 -33.79 19.28 22.69
C LEU A 229 -34.12 20.34 21.62
N ASN A 230 -33.45 21.50 21.70
CA ASN A 230 -33.71 22.60 20.77
C ASN A 230 -33.44 22.15 19.33
N SER A 231 -32.39 21.33 19.15
CA SER A 231 -32.01 20.84 17.84
C SER A 231 -33.16 20.07 17.20
N ALA A 232 -33.72 19.13 17.96
CA ALA A 232 -34.77 18.25 17.47
C ALA A 232 -36.10 19.00 17.29
N GLU A 233 -36.37 19.99 18.17
CA GLU A 233 -37.63 20.72 18.28
C GLU A 233 -37.77 21.71 17.11
N ASP A 234 -36.70 22.44 16.79
CA ASP A 234 -36.93 23.51 15.83
C ASP A 234 -36.91 22.93 14.43
N LEU A 235 -38.10 22.76 13.82
CA LEU A 235 -38.25 22.09 12.53
C LEU A 235 -37.40 20.81 12.52
N TYR A 237 -38.14 16.44 14.58
CA TYR A 237 -37.63 15.54 13.52
C TYR A 237 -36.62 14.59 14.15
N PRO A 238 -36.61 13.28 13.79
CA PRO A 238 -35.65 12.32 14.32
C PRO A 238 -34.20 12.80 14.18
N VAL A 239 -33.40 12.60 15.23
CA VAL A 239 -32.03 13.12 15.26
C VAL A 239 -30.97 12.05 15.53
N VAL A 240 -29.72 12.51 15.40
CA VAL A 240 -28.50 11.76 15.62
C VAL A 240 -27.71 12.51 16.68
N VAL A 241 -27.26 11.78 17.70
CA VAL A 241 -26.51 12.40 18.78
C VAL A 241 -25.15 11.74 18.90
N LYS A 242 -24.12 12.56 18.72
CA LYS A 242 -22.75 12.08 18.83
C LYS A 242 -21.95 13.14 19.57
N PRO A 243 -20.92 12.73 20.34
CA PRO A 243 -20.02 13.69 20.98
C PRO A 243 -19.04 14.23 19.94
N VAL A 244 -18.45 15.39 20.23
CA VAL A 244 -17.44 15.94 19.32
C VAL A 244 -16.26 14.98 19.22
N ILE A 245 -15.84 14.42 20.36
CA ILE A 245 -14.76 13.44 20.40
C ILE A 245 -15.33 12.12 20.95
N HIS A 247 -16.04 9.36 19.53
CA HIS A 247 -16.01 9.40 18.05
C HIS A 247 -15.94 7.96 17.53
N LYS A 248 -15.93 7.81 16.20
CA LYS A 248 -15.97 6.50 15.55
C LYS A 248 -17.16 5.67 16.07
N GLY A 249 -18.30 6.32 16.37
CA GLY A 249 -19.49 5.62 16.81
C GLY A 249 -19.59 5.48 18.33
N ILE A 250 -18.57 5.94 19.04
CA ILE A 250 -18.59 5.82 20.49
C ILE A 250 -19.58 6.84 21.05
N GLY A 251 -20.55 6.33 21.81
CA GLY A 251 -21.54 7.18 22.44
C GLY A 251 -22.60 7.64 21.44
N VAL A 252 -22.68 6.93 20.32
CA VAL A 252 -23.59 7.39 19.26
C VAL A 252 -24.95 6.70 19.32
N THR A 253 -26.00 7.53 19.39
CA THR A 253 -27.39 7.12 19.32
C THR A 253 -28.05 7.80 18.12
N ALA A 254 -28.95 7.11 17.41
CA ALA A 254 -29.51 7.72 16.21
C ALA A 254 -30.97 7.30 15.97
N ASN A 255 -31.69 8.13 15.23
CA ASN A 255 -33.08 7.93 14.86
C ASN A 255 -33.95 8.11 16.10
N ILE A 256 -33.55 9.13 16.84
CA ILE A 256 -34.09 9.55 18.12
C ILE A 256 -35.42 10.27 17.90
N ASN A 258 -38.05 11.65 19.99
CA ASN A 258 -38.81 12.59 20.87
C ASN A 258 -37.91 13.04 22.02
N ASP A 259 -38.50 13.82 22.94
CA ASP A 259 -37.75 14.42 24.04
C ASP A 259 -37.08 13.39 24.93
N LYS A 260 -37.79 12.29 25.23
CA LYS A 260 -37.25 11.32 26.16
C LYS A 260 -36.10 10.57 25.53
N GLU A 261 -36.28 10.22 24.25
CA GLU A 261 -35.27 9.46 23.53
C GLU A 261 -33.99 10.31 23.47
N LEU A 262 -34.20 11.61 23.32
CA LEU A 262 -33.12 12.55 23.16
C LEU A 262 -32.44 12.83 24.51
N GLU A 263 -33.20 12.92 25.62
CA GLU A 263 -32.53 13.08 26.91
C GLU A 263 -31.55 11.93 27.09
N PHE A 264 -32.02 10.73 26.75
CA PHE A 264 -31.23 9.52 26.82
C PHE A 264 -30.00 9.60 25.91
N ALA A 265 -30.22 9.98 24.65
CA ALA A 265 -29.14 10.06 23.67
C ALA A 265 -28.07 11.04 24.12
N TYR A 266 -28.49 12.15 24.71
CA TYR A 266 -27.55 13.13 25.24
C TYR A 266 -26.68 12.44 26.28
N ASP A 267 -27.32 11.76 27.23
CA ASP A 267 -26.59 11.07 28.28
C ASP A 267 -25.61 10.08 27.66
N ARG A 268 -26.03 9.37 26.61
CA ARG A 268 -25.15 8.38 26.01
C ARG A 268 -23.85 9.05 25.56
N ALA A 269 -23.98 10.16 24.83
CA ALA A 269 -22.82 10.83 24.27
C ALA A 269 -21.92 11.37 25.38
N VAL A 270 -22.54 11.90 26.43
CA VAL A 270 -21.83 12.52 27.54
C VAL A 270 -21.11 11.47 28.38
N ASP A 271 -21.80 10.37 28.72
CA ASP A 271 -21.18 9.34 29.54
C ASP A 271 -20.02 8.67 28.79
N ALA A 272 -20.21 8.50 27.47
CA ALA A 272 -19.18 7.89 26.65
C ALA A 272 -17.92 8.76 26.62
N SER A 273 -18.13 10.08 26.50
CA SER A 273 -17.03 11.04 26.42
C SER A 273 -17.23 12.18 27.41
N PRO A 274 -17.11 11.95 28.74
CA PRO A 274 -17.48 12.94 29.76
C PRO A 274 -16.66 14.22 29.77
N ASN A 275 -15.43 14.15 29.26
CA ASN A 275 -14.57 15.32 29.24
C ASN A 275 -15.03 16.23 28.12
N GLN A 276 -15.93 15.67 27.29
CA GLN A 276 -16.51 16.34 26.17
C GLN A 276 -18.03 16.40 26.35
N ARG A 277 -18.49 16.50 27.60
CA ARG A 277 -19.92 16.69 27.86
C ARG A 277 -20.57 17.47 26.70
N GLN A 279 -20.29 20.17 24.22
CA GLN A 279 -19.39 19.56 23.20
C GLN A 279 -20.05 18.33 22.59
N ILE A 280 -21.37 18.46 22.38
CA ILE A 280 -22.24 17.44 21.82
C ILE A 280 -22.77 17.92 20.47
N ILE A 281 -22.84 16.97 19.53
CA ILE A 281 -23.28 17.26 18.17
C ILE A 281 -24.67 16.66 17.99
N VAL A 282 -25.64 17.51 17.65
CA VAL A 282 -26.96 16.97 17.40
C VAL A 282 -27.42 17.36 15.99
N GLU A 283 -27.67 16.34 15.14
CA GLU A 283 -27.97 16.51 13.72
C GLU A 283 -29.27 15.81 13.29
N LYS A 284 -29.94 16.32 12.24
CA LYS A 284 -31.12 15.66 11.68
C LYS A 284 -30.70 14.32 11.08
N TYR A 285 -31.49 13.29 11.37
CA TYR A 285 -31.20 11.92 10.96
C TYR A 285 -31.50 11.68 9.49
N ILE A 286 -30.56 10.98 8.85
CA ILE A 286 -30.70 10.48 7.49
C ILE A 286 -30.52 8.98 7.52
N PRO A 287 -31.55 8.23 7.10
CA PRO A 287 -31.51 6.77 7.06
C PRO A 287 -30.70 6.41 5.84
N GLY A 288 -30.09 5.22 5.88
CA GLY A 288 -29.46 4.72 4.66
C GLY A 288 -28.13 4.07 4.95
N ALA A 289 -27.52 3.59 3.87
CA ALA A 289 -26.25 2.87 3.94
C ALA A 289 -25.13 3.90 3.84
N ASP A 290 -23.97 3.46 4.33
CA ASP A 290 -22.74 4.25 4.35
C ASP A 290 -21.95 4.02 3.05
N PHE A 291 -21.83 5.06 2.21
CA PHE A 291 -21.08 4.91 0.96
C PHE A 291 -19.87 5.83 0.84
N ARG A 292 -18.80 5.28 0.27
CA ARG A 292 -17.60 6.03 -0.05
C ARG A 292 -17.55 6.36 -1.53
N LEU A 293 -17.49 7.66 -1.85
CA LEU A 293 -17.36 8.08 -3.23
C LEU A 293 -15.95 8.63 -3.42
N LEU A 294 -15.22 8.04 -4.37
CA LEU A 294 -13.82 8.41 -4.56
C LEU A 294 -13.61 9.06 -5.92
N CYS A 295 -12.94 10.22 -5.88
CA CYS A 295 -12.49 10.89 -7.09
C CYS A 295 -10.98 10.91 -7.10
N VAL A 296 -10.43 10.75 -8.31
CA VAL A 296 -9.00 10.83 -8.50
C VAL A 296 -8.72 11.80 -9.62
N GLY A 297 -7.96 12.84 -9.29
CA GLY A 297 -7.68 13.85 -10.29
C GLY A 297 -8.91 14.66 -10.60
N GLY A 298 -9.83 14.70 -9.66
CA GLY A 298 -11.03 15.50 -9.80
C GLY A 298 -12.15 14.72 -10.48
N LYS A 299 -11.86 13.48 -10.91
CA LYS A 299 -12.88 12.70 -11.60
C LYS A 299 -13.25 11.49 -10.78
N PHE A 300 -14.55 11.19 -10.79
CA PHE A 300 -15.11 10.08 -10.05
C PHE A 300 -14.54 8.78 -10.61
N VAL A 301 -14.10 7.88 -9.74
CA VAL A 301 -13.52 6.63 -10.19
C VAL A 301 -14.23 5.43 -9.57
N ALA A 302 -14.81 5.60 -8.38
CA ALA A 302 -15.34 4.45 -7.67
C ALA A 302 -16.35 4.84 -6.59
N ALA A 303 -17.28 3.92 -6.31
CA ALA A 303 -18.18 4.05 -5.19
C ALA A 303 -18.30 2.69 -4.51
N LEU A 304 -18.31 2.74 -3.17
CA LEU A 304 -18.33 1.50 -2.41
C LEU A 304 -19.23 1.64 -1.18
N GLU A 305 -20.04 0.61 -0.94
CA GLU A 305 -20.91 0.56 0.23
C GLU A 305 -20.16 -0.17 1.34
N ARG A 306 -20.28 0.35 2.56
CA ARG A 306 -19.68 -0.29 3.73
C ARG A 306 -20.81 -0.78 4.62
N ARG A 307 -21.15 -2.06 4.47
CA ARG A 307 -22.29 -2.62 5.14
C ARG A 307 -21.81 -3.32 6.41
N PRO A 308 -22.42 -2.99 7.57
CA PRO A 308 -22.04 -3.63 8.83
C PRO A 308 -22.34 -5.11 8.70
N SER A 309 -21.62 -5.91 9.48
CA SER A 309 -21.86 -7.33 9.47
C SER A 309 -23.18 -7.61 10.19
N TYR A 310 -23.75 -8.79 9.93
CA TYR A 310 -25.00 -9.11 10.59
C TYR A 310 -25.22 -10.61 10.70
N VAL A 311 -26.24 -10.96 11.47
CA VAL A 311 -26.69 -12.34 11.64
C VAL A 311 -28.19 -12.37 11.42
N ILE A 312 -28.70 -13.58 11.09
CA ILE A 312 -30.12 -13.81 10.93
C ILE A 312 -30.57 -14.83 11.97
N GLY A 313 -31.69 -14.56 12.63
CA GLY A 313 -32.24 -15.49 13.61
C GLY A 313 -32.89 -16.72 12.99
N ASP A 314 -33.27 -17.66 13.85
CA ASP A 314 -33.79 -18.93 13.37
C ASP A 314 -34.70 -19.49 14.45
N GLY A 315 -34.66 -18.83 15.63
CA GLY A 315 -35.43 -19.22 16.81
C GLY A 315 -34.76 -20.38 17.54
N ARG A 316 -33.56 -20.77 17.09
CA ARG A 316 -32.88 -21.94 17.60
C ARG A 316 -31.57 -21.55 18.27
N SER A 317 -30.95 -20.46 17.80
CA SER A 317 -29.58 -20.25 18.22
C SER A 317 -29.27 -18.77 18.51
N THR A 318 -28.21 -18.62 19.29
CA THR A 318 -27.76 -17.36 19.83
C THR A 318 -26.94 -16.62 18.79
N ILE A 319 -26.77 -15.33 19.03
CA ILE A 319 -25.93 -14.49 18.20
C ILE A 319 -24.54 -15.06 18.23
N TYR A 320 -24.03 -15.43 19.41
CA TYR A 320 -22.68 -15.94 19.42
C TYR A 320 -22.55 -17.10 18.43
N ASP A 321 -23.49 -18.03 18.50
CA ASP A 321 -23.48 -19.20 17.64
C ASP A 321 -23.55 -18.76 16.17
N LEU A 322 -24.43 -17.80 15.86
CA LEU A 322 -24.62 -17.36 14.48
C LEU A 322 -23.32 -16.76 13.95
N ILE A 323 -22.60 -16.00 14.79
CA ILE A 323 -21.34 -15.40 14.39
C ILE A 323 -20.33 -16.49 14.07
N GLU A 324 -20.27 -17.50 14.94
CA GLU A 324 -19.31 -18.58 14.77
C GLU A 324 -19.62 -19.32 13.46
N ASP A 325 -20.92 -19.54 13.16
CA ASP A 325 -21.29 -20.25 11.95
C ASP A 325 -20.87 -19.43 10.74
N GLU A 326 -21.10 -18.11 10.79
CA GLU A 326 -20.79 -17.22 9.69
C GLU A 326 -19.28 -17.22 9.44
N ASN A 327 -18.50 -17.32 10.53
CA ASN A 327 -17.05 -17.29 10.42
C ASN A 327 -16.47 -18.58 9.81
N GLU A 328 -17.31 -19.60 9.59
CA GLU A 328 -16.80 -20.82 8.99
C GLU A 328 -16.82 -20.66 7.47
N SER A 329 -17.46 -19.60 7.01
CA SER A 329 -17.53 -19.33 5.59
C SER A 329 -16.11 -19.12 5.06
N PRO A 330 -15.80 -19.75 3.91
CA PRO A 330 -14.46 -19.67 3.32
C PRO A 330 -14.14 -18.25 2.89
N ALA A 331 -15.17 -17.40 2.83
CA ALA A 331 -15.02 -16.02 2.41
C ALA A 331 -14.33 -15.21 3.50
N ARG A 332 -14.26 -15.77 4.71
CA ARG A 332 -13.73 -15.07 5.86
C ARG A 332 -12.27 -15.47 6.07
N GLN A 333 -11.36 -14.51 5.84
CA GLN A 333 -9.95 -14.82 5.87
C GLN A 333 -9.21 -13.84 6.78
N ASP A 334 -8.21 -14.36 7.48
CA ASP A 334 -7.47 -13.59 8.47
C ASP A 334 -6.38 -12.75 7.81
N THR A 335 -5.95 -13.17 6.61
CA THR A 335 -4.96 -12.44 5.85
C THR A 335 -5.26 -10.94 5.91
N PRO A 336 -4.27 -10.11 6.30
CA PRO A 336 -4.43 -8.65 6.42
C PRO A 336 -5.02 -7.97 5.19
N THR A 337 -4.86 -8.63 4.04
CA THR A 337 -5.31 -8.11 2.76
C THR A 337 -6.37 -9.01 2.16
N SER A 338 -7.11 -9.71 3.03
CA SER A 338 -8.26 -10.45 2.57
C SER A 338 -9.34 -9.43 2.21
N ALA A 339 -10.27 -9.81 1.32
CA ALA A 339 -11.38 -8.91 0.99
C ALA A 339 -12.36 -8.77 2.15
N LEU A 340 -12.35 -9.77 3.04
CA LEU A 340 -13.31 -9.81 4.12
C LEU A 340 -12.76 -10.56 5.32
N SER A 341 -12.71 -9.88 6.48
CA SER A 341 -12.25 -10.51 7.70
C SER A 341 -13.34 -11.38 8.31
N PRO A 342 -12.97 -12.35 9.16
CA PRO A 342 -13.92 -13.05 10.04
C PRO A 342 -14.51 -12.01 10.97
N ILE A 343 -15.75 -12.24 11.41
CA ILE A 343 -16.36 -11.30 12.33
C ILE A 343 -15.59 -11.39 13.63
N LEU A 344 -15.06 -10.23 14.03
CA LEU A 344 -14.32 -10.19 15.28
C LEU A 344 -15.23 -9.58 16.33
N ILE A 345 -15.03 -10.03 17.56
CA ILE A 345 -15.82 -9.57 18.68
C ILE A 345 -14.97 -8.68 19.55
N ASP A 346 -15.45 -7.45 19.71
CA ASP A 346 -14.76 -6.41 20.44
C ASP A 346 -15.81 -5.56 21.13
N LYS A 347 -15.33 -4.47 21.76
CA LYS A 347 -16.15 -3.56 22.54
C LYS A 347 -17.27 -2.96 21.68
N SER A 348 -16.96 -2.62 20.43
CA SER A 348 -17.91 -1.93 19.57
C SER A 348 -19.10 -2.84 19.30
N LEU A 349 -18.78 -4.11 19.02
CA LEU A 349 -19.80 -5.08 18.71
C LEU A 349 -20.68 -5.28 19.94
N GLU A 350 -20.05 -5.47 21.10
CA GLU A 350 -20.84 -5.74 22.29
C GLU A 350 -21.72 -4.53 22.61
N ASN A 351 -21.16 -3.32 22.44
CA ASN A 351 -21.91 -2.12 22.77
C ASN A 351 -23.12 -1.99 21.87
N TYR A 352 -22.91 -2.28 20.58
CA TYR A 352 -24.01 -2.11 19.66
C TYR A 352 -25.10 -3.14 19.96
N LEU A 353 -24.71 -4.35 20.36
CA LEU A 353 -25.76 -5.29 20.73
C LEU A 353 -26.50 -4.79 21.96
N GLU A 354 -25.76 -4.27 22.96
CA GLU A 354 -26.43 -3.82 24.16
C GLU A 354 -27.50 -2.79 23.81
N GLN A 355 -27.19 -1.91 22.87
CA GLN A 355 -28.07 -0.80 22.49
C GLN A 355 -29.36 -1.32 21.85
N GLN A 356 -29.35 -2.60 21.43
CA GLN A 356 -30.49 -3.21 20.77
C GLN A 356 -31.25 -4.10 21.76
N GLY A 357 -30.74 -4.18 22.98
CA GLY A 357 -31.29 -5.04 24.02
C GLY A 357 -30.87 -6.47 23.79
N LEU A 358 -29.75 -6.64 23.09
CA LEU A 358 -29.25 -7.96 22.73
C LEU A 358 -27.89 -8.18 23.38
N SER A 359 -27.48 -9.44 23.41
CA SER A 359 -26.18 -9.83 23.89
C SER A 359 -25.79 -11.05 23.06
N LEU A 360 -24.54 -11.50 23.21
CA LEU A 360 -24.09 -12.66 22.46
C LEU A 360 -24.94 -13.88 22.82
N ASP A 361 -25.29 -14.04 24.09
CA ASP A 361 -26.07 -15.19 24.51
C ASP A 361 -27.55 -14.85 24.43
N SER A 362 -28.01 -14.58 23.20
CA SER A 362 -29.39 -14.23 22.93
C SER A 362 -29.89 -14.88 21.63
N ILE A 363 -31.04 -15.54 21.70
CA ILE A 363 -31.59 -16.24 20.54
C ILE A 363 -32.47 -15.29 19.74
N LEU A 364 -32.24 -15.25 18.43
CA LEU A 364 -33.09 -14.40 17.62
C LEU A 364 -34.13 -15.25 16.88
N GLU A 365 -35.32 -14.65 16.70
CA GLU A 365 -36.45 -15.21 15.96
C GLU A 365 -36.12 -15.39 14.48
N ARG A 366 -36.79 -16.38 13.89
CA ARG A 366 -36.57 -16.73 12.50
C ARG A 366 -36.75 -15.51 11.61
N ASP A 367 -35.73 -15.29 10.78
CA ASP A 367 -35.64 -14.24 9.78
C ASP A 367 -35.45 -12.83 10.37
N ARG A 368 -35.18 -12.71 11.67
CA ARG A 368 -34.84 -11.40 12.20
C ARG A 368 -33.41 -11.04 11.81
N LEU A 369 -33.18 -9.85 11.25
CA LEU A 369 -31.80 -9.44 10.94
C LEU A 369 -31.27 -8.50 12.01
N VAL A 370 -30.08 -8.82 12.51
CA VAL A 370 -29.43 -8.01 13.53
C VAL A 370 -28.04 -7.57 13.05
N TYR A 371 -27.83 -6.26 13.03
CA TYR A 371 -26.51 -5.74 12.69
C TYR A 371 -25.65 -5.77 13.94
N LEU A 372 -24.38 -6.11 13.73
CA LEU A 372 -23.49 -6.27 14.86
C LEU A 372 -22.76 -4.98 15.22
N ARG A 373 -22.59 -4.06 14.27
CA ARG A 373 -21.96 -2.78 14.53
C ARG A 373 -22.77 -1.70 13.81
N LYS A 374 -22.76 -0.45 14.32
CA LYS A 374 -23.43 0.61 13.58
C LYS A 374 -22.59 1.01 12.39
N VAL A 375 -21.30 1.09 12.66
CA VAL A 375 -20.36 1.50 11.62
C VAL A 375 -19.53 0.29 11.28
N ALA A 376 -19.59 -0.06 10.01
CA ALA A 376 -18.89 -1.22 9.48
C ALA A 376 -17.39 -1.05 9.69
N ASN A 377 -16.78 -2.14 10.17
CA ASN A 377 -15.34 -2.23 10.16
C ASN A 377 -14.99 -3.40 9.27
N ILE A 378 -14.47 -3.12 8.06
CA ILE A 378 -14.30 -4.18 7.09
C ILE A 378 -13.28 -5.18 7.60
N SER A 379 -12.25 -4.64 8.25
CA SER A 379 -11.15 -5.41 8.78
C SER A 379 -11.60 -6.30 9.95
N ALA A 380 -12.83 -6.07 10.45
CA ALA A 380 -13.35 -6.86 11.57
C ALA A 380 -14.63 -7.59 11.19
N GLY A 381 -14.96 -7.70 9.89
CA GLY A 381 -16.10 -8.48 9.47
C GLY A 381 -17.16 -7.73 8.67
N GLY A 382 -17.08 -6.40 8.56
CA GLY A 382 -18.02 -5.68 7.71
C GLY A 382 -17.80 -6.03 6.24
N VAL A 383 -18.78 -5.66 5.39
CA VAL A 383 -18.75 -6.03 3.99
C VAL A 383 -18.58 -4.81 3.08
N SER A 384 -17.56 -4.88 2.24
CA SER A 384 -17.29 -3.84 1.26
C SER A 384 -17.93 -4.24 -0.05
N ILE A 385 -18.81 -3.37 -0.57
CA ILE A 385 -19.52 -3.67 -1.81
C ILE A 385 -19.22 -2.66 -2.91
N ASN A 386 -18.78 -3.15 -4.07
CA ASN A 386 -18.62 -2.24 -5.20
C ASN A 386 -19.98 -1.96 -5.80
N VAL A 387 -20.42 -0.72 -5.70
CA VAL A 387 -21.74 -0.33 -6.13
C VAL A 387 -21.63 0.68 -7.27
N THR A 388 -20.40 0.83 -7.76
CA THR A 388 -20.10 1.82 -8.77
C THR A 388 -21.05 1.69 -9.96
N PRO A 389 -21.33 0.47 -10.50
CA PRO A 389 -22.07 0.36 -11.76
C PRO A 389 -23.52 0.87 -11.69
N THR A 390 -24.03 1.12 -10.48
CA THR A 390 -25.43 1.48 -10.34
C THR A 390 -25.58 2.93 -9.88
N ILE A 391 -24.46 3.64 -9.71
CA ILE A 391 -24.53 5.00 -9.19
C ILE A 391 -25.24 5.90 -10.20
N HIS A 392 -26.09 6.76 -9.67
CA HIS A 392 -26.79 7.72 -10.49
C HIS A 392 -25.79 8.76 -11.00
N PRO A 393 -25.88 9.17 -12.28
CA PRO A 393 -25.05 10.24 -12.82
C PRO A 393 -25.05 11.55 -12.02
N ASP A 394 -26.15 11.86 -11.33
CA ASP A 394 -26.16 13.07 -10.52
C ASP A 394 -25.26 12.91 -9.30
N ASN A 395 -25.06 11.67 -8.86
CA ASN A 395 -24.24 11.42 -7.69
C ASN A 395 -22.79 11.45 -8.11
N ILE A 396 -22.55 11.03 -9.36
CA ILE A 396 -21.21 11.12 -9.92
C ILE A 396 -20.83 12.58 -10.00
N ILE A 397 -21.76 13.35 -10.56
CA ILE A 397 -21.56 14.78 -10.71
C ILE A 397 -21.32 15.41 -9.34
N LEU A 398 -22.17 15.07 -8.35
CA LEU A 398 -22.00 15.66 -7.04
C LEU A 398 -20.55 15.46 -6.58
N ALA A 399 -20.08 14.21 -6.69
CA ALA A 399 -18.74 13.91 -6.22
C ALA A 399 -17.70 14.80 -6.91
N GLU A 400 -17.86 14.99 -8.22
CA GLU A 400 -16.91 15.78 -9.00
C GLU A 400 -17.02 17.27 -8.68
N GLU A 401 -18.25 17.74 -8.40
CA GLU A 401 -18.48 19.14 -8.14
C GLU A 401 -17.90 19.53 -6.78
N ILE A 402 -17.85 18.57 -5.85
CA ILE A 402 -17.23 18.84 -4.57
C ILE A 402 -15.71 18.82 -4.75
N ALA A 403 -15.23 17.77 -5.42
CA ALA A 403 -13.80 17.51 -5.59
C ALA A 403 -13.09 18.68 -6.27
N GLN A 404 -13.78 19.34 -7.20
CA GLN A 404 -13.18 20.39 -8.01
C GLN A 404 -12.68 21.54 -7.15
N TYR A 405 -13.15 21.65 -5.89
CA TYR A 405 -12.77 22.80 -5.04
C TYR A 405 -11.48 22.53 -4.28
N PHE A 406 -10.98 21.29 -4.33
CA PHE A 406 -9.78 20.95 -3.52
C PHE A 406 -8.66 20.43 -4.40
N HIS A 407 -7.48 21.05 -4.29
CA HIS A 407 -6.32 20.58 -5.04
C HIS A 407 -5.71 19.39 -4.32
N ILE A 408 -6.42 18.27 -4.38
CA ILE A 408 -6.01 17.04 -3.74
C ILE A 408 -6.21 15.90 -4.74
N VAL A 409 -5.17 15.09 -4.95
CA VAL A 409 -5.21 14.08 -6.00
C VAL A 409 -6.23 13.02 -5.64
N CYS A 410 -6.17 12.51 -4.40
CA CYS A 410 -7.17 11.50 -4.05
C CYS A 410 -8.14 12.06 -3.05
N PHE A 411 -9.43 12.05 -3.37
CA PHE A 411 -10.38 12.74 -2.53
C PHE A 411 -11.63 11.91 -2.28
N GLY A 412 -11.93 11.64 -1.00
CA GLY A 412 -13.05 10.77 -0.63
C GLY A 412 -14.21 11.53 -0.01
N ILE A 413 -15.44 11.13 -0.36
CA ILE A 413 -16.63 11.75 0.19
C ILE A 413 -17.46 10.66 0.85
N ASP A 414 -17.79 10.85 2.12
CA ASP A 414 -18.60 9.87 2.83
C ASP A 414 -20.03 10.37 2.90
N VAL A 415 -20.94 9.56 2.35
CA VAL A 415 -22.34 9.96 2.26
C VAL A 415 -23.23 8.87 2.82
N ILE A 416 -24.46 9.28 3.18
CA ILE A 416 -25.51 8.35 3.55
C ILE A 416 -26.61 8.41 2.50
N SER A 417 -27.10 7.22 2.10
CA SER A 417 -28.18 7.17 1.13
C SER A 417 -29.01 5.89 1.30
N THR A 418 -30.29 5.98 0.96
CA THR A 418 -31.12 4.79 1.03
C THR A 418 -31.01 4.02 -0.27
N ASP A 419 -30.52 4.69 -1.31
CA ASP A 419 -30.30 4.05 -2.59
C ASP A 419 -29.37 4.93 -3.40
N LEU A 420 -28.18 4.43 -3.72
CA LEU A 420 -27.20 5.26 -4.40
C LEU A 420 -27.52 5.36 -5.89
N SER A 421 -28.46 4.52 -6.36
CA SER A 421 -28.88 4.57 -7.77
C SER A 421 -29.89 5.68 -7.98
N ARG A 422 -30.38 6.26 -6.89
CA ARG A 422 -31.32 7.37 -6.99
C ARG A 422 -30.51 8.65 -6.86
N SER A 423 -30.91 9.68 -7.62
CA SER A 423 -30.25 10.97 -7.52
C SER A 423 -30.37 11.56 -6.12
N TRP A 424 -29.28 12.18 -5.67
CA TRP A 424 -29.28 12.81 -4.36
C TRP A 424 -30.40 13.83 -4.23
N LYS A 425 -30.87 14.34 -5.38
CA LYS A 425 -31.90 15.37 -5.43
C LYS A 425 -33.23 14.86 -4.87
N GLU A 426 -33.38 13.54 -4.79
CA GLU A 426 -34.58 12.89 -4.29
C GLU A 426 -34.73 13.08 -2.78
N GLY A 427 -33.62 13.23 -2.04
CA GLY A 427 -33.73 13.67 -0.66
C GLY A 427 -33.27 12.68 0.41
N ASP A 428 -33.30 11.37 0.15
CA ASP A 428 -32.72 10.49 1.16
C ASP A 428 -31.23 10.44 0.93
N PHE A 429 -30.55 11.55 1.21
CA PHE A 429 -29.15 11.68 0.86
C PHE A 429 -28.45 12.79 1.65
N GLY A 430 -27.22 12.51 2.06
CA GLY A 430 -26.45 13.59 2.65
C GLY A 430 -24.96 13.26 2.83
N ILE A 431 -24.17 14.34 2.88
CA ILE A 431 -22.73 14.25 2.98
C ILE A 431 -22.34 14.37 4.44
N ILE A 432 -21.58 13.39 4.91
CA ILE A 432 -21.27 13.39 6.34
C ILE A 432 -19.82 13.81 6.58
N GLU A 433 -18.91 13.41 5.67
CA GLU A 433 -17.49 13.58 5.93
C GLU A 433 -16.66 13.74 4.65
N ILE A 434 -15.56 14.51 4.77
CA ILE A 434 -14.59 14.59 3.67
C ILE A 434 -13.26 13.97 4.11
N ASN A 435 -12.77 13.06 3.28
CA ASN A 435 -11.49 12.44 3.57
C ASN A 435 -10.44 12.87 2.54
N ALA A 436 -9.49 13.70 2.96
CA ALA A 436 -8.54 14.28 2.04
C ALA A 436 -7.46 13.30 1.66
N ALA A 437 -7.34 12.16 2.36
CA ALA A 437 -6.33 11.21 1.94
C ALA A 437 -6.85 9.81 2.19
N PRO A 438 -7.85 9.40 1.41
CA PRO A 438 -8.65 8.21 1.70
C PRO A 438 -7.77 7.03 1.37
N GLY A 439 -8.00 5.92 2.06
CA GLY A 439 -7.46 4.65 1.63
C GLY A 439 -8.19 4.20 0.38
N ILE A 440 -7.51 3.33 -0.37
CA ILE A 440 -8.07 2.83 -1.61
C ILE A 440 -8.06 1.31 -1.66
N PHE A 441 -7.51 0.64 -0.65
CA PHE A 441 -7.32 -0.78 -0.78
C PHE A 441 -8.66 -1.49 -1.00
N MET A 442 -9.66 -1.11 -0.20
CA MET A 442 -10.97 -1.73 -0.25
C MET A 442 -11.64 -1.57 -1.62
N HIS A 443 -11.18 -0.63 -2.43
CA HIS A 443 -11.76 -0.47 -3.74
C HIS A 443 -11.13 -1.50 -4.68
N LEU A 444 -9.87 -1.84 -4.39
CA LEU A 444 -9.13 -2.80 -5.18
C LEU A 444 -9.61 -4.20 -4.81
N LYS A 445 -9.93 -4.42 -3.53
CA LYS A 445 -10.32 -5.74 -3.05
C LYS A 445 -11.64 -5.67 -2.30
N PRO A 446 -12.78 -5.45 -2.99
CA PRO A 446 -14.08 -5.38 -2.34
C PRO A 446 -14.47 -6.81 -2.05
N ALA A 447 -15.35 -6.98 -1.06
CA ALA A 447 -15.83 -8.31 -0.73
C ALA A 447 -16.80 -8.75 -1.83
N ILE A 448 -17.57 -7.78 -2.32
CA ILE A 448 -18.58 -8.06 -3.33
C ILE A 448 -18.41 -7.11 -4.51
N GLY A 449 -18.37 -7.70 -5.71
CA GLY A 449 -18.36 -6.91 -6.94
C GLY A 449 -16.96 -6.84 -7.52
N ASP A 450 -16.90 -6.25 -8.73
CA ASP A 450 -15.67 -6.15 -9.48
C ASP A 450 -14.71 -5.21 -8.76
N SER A 451 -13.40 -5.49 -8.87
CA SER A 451 -12.40 -4.57 -8.35
C SER A 451 -12.27 -3.35 -9.25
N ILE A 452 -11.77 -2.25 -8.66
CA ILE A 452 -11.37 -1.11 -9.45
C ILE A 452 -9.88 -0.83 -9.24
N ASP A 453 -9.12 -0.78 -10.34
CA ASP A 453 -7.69 -0.54 -10.20
C ASP A 453 -7.43 0.93 -9.92
N VAL A 454 -7.68 1.31 -8.66
CA VAL A 454 -7.51 2.69 -8.28
C VAL A 454 -6.03 3.07 -8.33
N PRO A 455 -5.12 2.23 -7.80
CA PRO A 455 -3.69 2.55 -7.84
C PRO A 455 -3.29 2.89 -9.27
N GLY A 456 -3.84 2.12 -10.21
CA GLY A 456 -3.60 2.36 -11.61
C GLY A 456 -4.07 3.75 -11.99
N LYS A 457 -5.33 4.04 -11.67
CA LYS A 457 -5.93 5.31 -12.07
C LYS A 457 -5.13 6.47 -11.49
N ILE A 458 -4.60 6.30 -10.28
CA ILE A 458 -3.84 7.36 -9.66
C ILE A 458 -2.59 7.62 -10.48
N LEU A 459 -1.86 6.56 -10.81
CA LEU A 459 -0.63 6.73 -11.56
C LEU A 459 -0.92 7.27 -12.97
N ASP A 460 -2.03 6.83 -13.56
CA ASP A 460 -2.39 7.29 -14.89
C ASP A 460 -2.57 8.80 -14.87
N TYR A 461 -3.25 9.28 -13.82
CA TYR A 461 -3.51 10.70 -13.73
C TYR A 461 -2.20 11.44 -13.49
N LEU A 462 -1.40 10.96 -12.55
CA LEU A 462 -0.19 11.65 -12.15
C LEU A 462 0.81 11.84 -13.31
N PHE A 463 0.89 10.83 -14.17
CA PHE A 463 1.82 10.89 -15.29
C PHE A 463 1.09 11.06 -16.61
N VAL A 464 -0.14 11.60 -16.60
CA VAL A 464 -0.96 11.73 -17.80
C VAL A 464 -0.29 12.62 -18.84
N SER A 465 0.45 13.62 -18.34
CA SER A 465 0.99 14.68 -19.17
C SER A 465 2.34 14.29 -19.78
N GLU A 466 2.93 13.15 -19.39
CA GLU A 466 4.27 12.80 -19.86
C GLU A 466 4.29 11.40 -20.51
N SER A 467 5.16 11.17 -21.51
CA SER A 467 5.27 9.83 -22.08
C SER A 467 6.21 8.99 -21.22
N THR A 468 7.00 9.66 -20.37
CA THR A 468 7.95 8.95 -19.53
C THR A 468 7.83 9.43 -18.10
N SER A 469 8.30 8.53 -17.24
CA SER A 469 8.35 8.77 -15.81
C SER A 469 9.80 8.96 -15.40
N ARG A 470 10.70 8.92 -16.38
CA ARG A 470 12.10 8.96 -16.03
C ARG A 470 12.92 9.61 -17.14
N MET A 471 13.90 10.39 -16.68
CA MET A 471 14.86 11.02 -17.57
C MET A 471 15.94 9.99 -17.88
N PRO A 472 16.73 10.20 -18.97
CA PRO A 472 17.79 9.28 -19.37
C PRO A 472 18.95 9.10 -18.37
N ILE A 473 19.44 7.86 -18.32
CA ILE A 473 20.58 7.52 -17.48
C ILE A 473 21.70 6.86 -18.28
N ILE A 474 22.91 7.39 -18.07
CA ILE A 474 24.13 6.85 -18.63
C ILE A 474 24.95 6.27 -17.50
N THR A 475 25.39 5.01 -17.66
CA THR A 475 26.23 4.47 -16.61
C THR A 475 27.54 3.89 -17.16
N PHE A 476 28.58 3.99 -16.32
CA PHE A 476 29.90 3.47 -16.72
C PHE A 476 30.43 2.54 -15.63
N ASN A 477 31.29 1.60 -15.99
CA ASN A 477 31.99 0.81 -14.99
C ASN A 477 33.17 1.62 -14.46
N TYR A 478 33.68 2.51 -15.30
CA TYR A 478 34.83 3.33 -14.95
C TYR A 478 34.65 4.69 -15.60
N LEU A 479 34.68 5.73 -14.77
CA LEU A 479 34.43 7.09 -15.24
C LEU A 479 35.33 8.07 -14.51
N PRO A 480 36.53 8.32 -15.07
CA PRO A 480 37.47 9.27 -14.49
C PRO A 480 36.96 10.68 -14.76
N LYS A 481 37.28 11.59 -13.82
CA LYS A 481 36.82 12.97 -13.79
C LYS A 481 36.96 13.63 -15.16
N GLN A 482 38.10 13.37 -15.83
CA GLN A 482 38.37 14.03 -17.09
C GLN A 482 37.27 13.71 -18.10
N THR A 483 36.91 12.43 -18.18
CA THR A 483 36.01 11.97 -19.22
C THR A 483 34.63 12.53 -18.91
N LEU A 484 34.29 12.49 -17.61
CA LEU A 484 33.01 12.94 -17.11
C LEU A 484 32.80 14.38 -17.56
N LEU A 485 33.79 15.24 -17.31
CA LEU A 485 33.62 16.65 -17.56
C LEU A 485 33.58 16.94 -19.06
N GLU A 486 34.35 16.19 -19.86
CA GLU A 486 34.27 16.41 -21.30
C GLU A 486 32.86 16.10 -21.79
N ILE A 487 32.27 15.03 -21.26
CA ILE A 487 30.95 14.63 -21.72
C ILE A 487 29.92 15.65 -21.28
N VAL A 488 30.04 16.13 -20.04
CA VAL A 488 29.12 17.14 -19.54
C VAL A 488 29.17 18.35 -20.46
N ASN A 489 30.40 18.77 -20.81
CA ASN A 489 30.61 19.94 -21.63
C ASN A 489 29.85 19.77 -22.95
N LEU A 490 30.01 18.63 -23.61
CA LEU A 490 29.38 18.43 -24.91
C LEU A 490 27.88 18.47 -24.78
N VAL A 491 27.37 17.87 -23.69
CA VAL A 491 25.93 17.81 -23.56
C VAL A 491 25.40 19.22 -23.41
N LEU A 492 26.08 20.02 -22.58
CA LEU A 492 25.62 21.38 -22.38
C LEU A 492 25.79 22.22 -23.66
N GLN A 493 26.78 21.91 -24.48
CA GLN A 493 26.88 22.68 -25.71
C GLN A 493 25.64 22.45 -26.57
N SER A 494 25.11 21.22 -26.59
CA SER A 494 23.90 20.98 -27.35
C SER A 494 22.65 21.39 -26.57
N HIS A 495 22.71 21.28 -25.25
CA HIS A 495 21.56 21.55 -24.39
C HIS A 495 21.99 22.39 -23.20
N PRO A 496 22.32 23.67 -23.42
CA PRO A 496 22.93 24.51 -22.38
C PRO A 496 22.00 24.85 -21.21
N HIS A 497 20.71 24.62 -21.42
CA HIS A 497 19.71 24.93 -20.41
C HIS A 497 19.47 23.74 -19.49
N TRP A 498 20.11 22.58 -19.75
CA TRP A 498 19.88 21.33 -19.00
C TRP A 498 20.58 21.30 -17.66
N THR A 499 20.01 20.51 -16.76
CA THR A 499 20.68 20.11 -15.53
C THR A 499 21.23 18.69 -15.71
N VAL A 500 22.56 18.57 -15.62
CA VAL A 500 23.22 17.29 -15.81
C VAL A 500 23.94 16.90 -14.53
N GLY A 501 23.47 15.79 -13.95
CA GLY A 501 23.99 15.30 -12.69
C GLY A 501 24.97 14.16 -12.94
N SER A 502 26.19 14.33 -12.42
CA SER A 502 27.24 13.40 -12.74
C SER A 502 27.92 12.92 -11.48
N ILE A 503 28.02 11.59 -11.32
CA ILE A 503 28.68 11.03 -10.15
C ILE A 503 29.63 9.87 -10.50
N CYS A 504 30.83 9.93 -9.89
CA CYS A 504 31.79 8.84 -9.97
C CYS A 504 32.68 8.86 -8.73
N GLN A 505 33.63 7.90 -8.63
CA GLN A 505 34.45 7.79 -7.43
C GLN A 505 35.27 9.07 -7.20
N ASP A 506 35.48 9.85 -8.27
CA ASP A 506 36.30 11.06 -8.22
C ASP A 506 35.52 12.26 -7.66
N GLY A 507 34.21 12.12 -7.49
CA GLY A 507 33.40 13.24 -7.05
C GLY A 507 32.07 13.32 -7.79
N MET A 508 31.32 14.39 -7.53
CA MET A 508 30.06 14.55 -8.23
C MET A 508 29.91 16.02 -8.59
N TRP A 509 29.26 16.26 -9.74
CA TRP A 509 29.09 17.58 -10.32
C TRP A 509 27.65 17.78 -10.76
N ILE A 510 27.17 19.02 -10.65
CA ILE A 510 26.00 19.39 -11.42
C ILE A 510 26.40 20.45 -12.43
N ASN A 511 26.32 20.11 -13.73
CA ASN A 511 26.75 21.03 -14.79
C ASN A 511 28.09 21.67 -14.48
N LYS A 512 29.07 20.85 -14.15
CA LYS A 512 30.42 21.38 -14.02
C LYS A 512 30.66 21.92 -12.61
N SER A 513 29.62 22.02 -11.78
CA SER A 513 29.82 22.60 -10.47
C SER A 513 29.99 21.47 -9.47
N PRO A 514 31.17 21.33 -8.84
CA PRO A 514 31.48 20.21 -7.94
C PRO A 514 30.70 20.31 -6.65
N LYS A 515 30.27 19.14 -6.16
CA LYS A 515 29.56 19.04 -4.90
C LYS A 515 30.32 18.00 -4.08
N PRO A 516 30.23 18.07 -2.73
CA PRO A 516 30.88 17.08 -1.86
C PRO A 516 30.30 15.69 -2.17
N LEU A 517 31.15 14.67 -2.07
CA LEU A 517 30.71 13.30 -2.28
C LEU A 517 30.37 12.67 -0.94
N PRO A 518 29.10 12.23 -0.73
CA PRO A 518 28.70 11.58 0.51
C PRO A 518 29.41 10.25 0.69
N LYS A 519 29.52 9.83 1.95
CA LYS A 519 30.25 8.61 2.26
C LYS A 519 29.54 7.41 1.64
N ASP A 520 28.21 7.45 1.65
CA ASP A 520 27.46 6.41 0.95
C ASP A 520 27.34 6.81 -0.51
N TYR A 521 27.92 6.00 -1.38
CA TYR A 521 27.89 6.35 -2.79
C TYR A 521 26.46 6.58 -3.24
N ASN A 522 25.57 5.66 -2.84
CA ASN A 522 24.20 5.74 -3.31
C ASN A 522 23.45 6.92 -2.72
N THR A 523 23.97 7.52 -1.65
CA THR A 523 23.33 8.74 -1.15
C THR A 523 23.55 9.84 -2.17
N GLY A 524 24.76 9.86 -2.74
CA GLY A 524 25.06 10.79 -3.80
C GLY A 524 24.15 10.55 -4.99
N VAL A 525 23.95 9.27 -5.32
CA VAL A 525 23.13 8.94 -6.47
C VAL A 525 21.68 9.38 -6.21
N LEU A 526 21.23 9.13 -4.97
CA LEU A 526 19.88 9.48 -4.55
C LEU A 526 19.67 10.97 -4.75
N THR A 527 20.67 11.74 -4.29
CA THR A 527 20.61 13.19 -4.32
C THR A 527 20.29 13.61 -5.74
N LEU A 528 20.95 12.95 -6.69
CA LEU A 528 20.75 13.34 -8.07
C LEU A 528 19.36 12.91 -8.52
N LEU A 529 18.96 11.68 -8.23
CA LEU A 529 17.69 11.20 -8.75
C LEU A 529 16.56 12.12 -8.26
N ARG A 530 16.75 12.61 -7.03
CA ARG A 530 15.77 13.40 -6.31
C ARG A 530 15.74 14.84 -6.79
N HIS A 531 16.73 15.22 -7.59
CA HIS A 531 16.83 16.59 -8.05
C HIS A 531 15.69 16.89 -9.02
N PRO A 532 14.88 17.91 -8.70
CA PRO A 532 13.64 18.18 -9.45
C PRO A 532 13.82 18.72 -10.86
N LYS A 533 15.06 19.08 -11.24
CA LYS A 533 15.22 19.64 -12.55
C LYS A 533 16.08 18.74 -13.41
N LEU A 534 16.42 17.56 -12.89
CA LEU A 534 17.45 16.78 -13.54
C LEU A 534 16.99 16.28 -14.90
N ASP A 535 17.78 16.60 -15.92
CA ASP A 535 17.54 16.22 -17.31
C ASP A 535 18.34 14.96 -17.67
N LEU A 536 19.51 14.82 -17.04
CA LEU A 536 20.37 13.70 -17.39
C LEU A 536 21.19 13.24 -16.19
N LEU A 537 21.21 11.92 -15.96
CA LEU A 537 22.11 11.36 -14.96
C LEU A 537 23.23 10.56 -15.64
N ILE A 538 24.46 10.84 -15.19
CA ILE A 538 25.61 10.05 -15.58
C ILE A 538 26.22 9.47 -14.30
N ALA A 539 26.39 8.14 -14.24
CA ALA A 539 26.84 7.56 -12.98
C ALA A 539 27.77 6.36 -13.17
N GLU A 540 28.82 6.30 -12.35
CA GLU A 540 29.74 5.16 -12.33
C GLU A 540 29.25 4.09 -11.34
N TYR A 541 29.38 2.83 -11.75
CA TYR A 541 29.24 1.71 -10.83
C TYR A 541 30.37 0.72 -11.03
N SER A 542 31.51 1.06 -10.44
CA SER A 542 32.66 0.18 -10.44
C SER A 542 32.35 -1.01 -9.53
N GLN A 543 33.06 -2.12 -9.76
CA GLN A 543 32.80 -3.32 -8.99
C GLN A 543 32.77 -3.02 -7.49
N ASP A 544 33.64 -2.11 -7.00
CA ASP A 544 33.71 -1.80 -5.58
C ASP A 544 32.33 -1.47 -5.04
N ILE A 545 31.53 -0.79 -5.85
CA ILE A 545 30.26 -0.27 -5.41
C ILE A 545 29.17 -1.28 -5.73
N PHE A 546 29.21 -1.81 -6.96
CA PHE A 546 28.17 -2.70 -7.42
C PHE A 546 28.02 -3.88 -6.46
N GLU A 547 29.14 -4.41 -5.94
CA GLU A 547 29.09 -5.56 -5.05
C GLU A 547 28.90 -5.14 -3.58
N THR A 548 28.89 -3.84 -3.27
CA THR A 548 28.89 -3.38 -1.88
C THR A 548 27.59 -2.67 -1.53
N GLU A 549 27.22 -1.66 -2.33
CA GLU A 549 26.00 -0.93 -2.06
C GLU A 549 24.94 -1.37 -3.06
N GLY A 550 25.37 -1.78 -4.25
CA GLY A 550 24.44 -2.13 -5.31
C GLY A 550 24.07 -0.89 -6.09
N MET A 551 23.16 -1.09 -7.04
CA MET A 551 22.78 0.01 -7.90
C MET A 551 21.50 0.62 -7.32
N LEU A 552 21.34 1.94 -7.45
CA LEU A 552 20.19 2.56 -6.80
C LEU A 552 19.01 2.72 -7.75
N TYR A 553 19.26 2.83 -9.06
CA TYR A 553 18.18 3.02 -10.00
C TYR A 553 17.97 1.76 -10.86
N GLU A 554 16.77 1.64 -11.41
CA GLU A 554 16.44 0.42 -12.13
C GLU A 554 16.72 0.57 -13.63
N GLY A 555 18.00 0.53 -14.01
CA GLY A 555 18.34 0.37 -15.42
C GLY A 555 18.90 1.63 -16.05
N SER A 556 19.75 1.44 -17.08
CA SER A 556 20.40 2.50 -17.86
C SER A 556 19.94 2.50 -19.31
N ASP A 557 20.03 3.66 -19.96
CA ASP A 557 19.70 3.77 -21.37
C ASP A 557 20.95 3.57 -22.19
N LEU A 558 22.07 4.00 -21.60
CA LEU A 558 23.36 3.87 -22.23
C LEU A 558 24.34 3.32 -21.20
N ILE A 559 25.00 2.22 -21.55
CA ILE A 559 25.92 1.57 -20.62
C ILE A 559 27.28 1.50 -21.28
N ILE A 560 28.29 1.90 -20.52
CA ILE A 560 29.63 1.94 -21.05
C ILE A 560 30.55 1.08 -20.21
N LEU A 561 31.17 0.09 -20.86
CA LEU A 561 32.08 -0.81 -20.16
C LEU A 561 33.51 -0.68 -20.70
N ASP A 562 34.38 -0.01 -19.92
CA ASP A 562 35.78 0.19 -20.27
C ASP A 562 36.60 -0.89 -19.56
N GLU A 563 37.10 -1.86 -20.34
CA GLU A 563 37.87 -2.97 -19.79
C GLU A 563 37.21 -3.49 -18.51
N PRO A 564 35.94 -3.95 -18.59
CA PRO A 564 35.17 -4.31 -17.40
C PRO A 564 35.64 -5.63 -16.77
N THR A 565 35.49 -5.74 -15.45
CA THR A 565 35.65 -7.01 -14.78
C THR A 565 34.43 -7.87 -15.10
N GLU A 566 34.51 -9.15 -14.78
CA GLU A 566 33.38 -10.02 -15.11
C GLU A 566 32.16 -9.57 -14.31
N THR A 567 32.37 -9.02 -13.10
CA THR A 567 31.24 -8.50 -12.35
C THR A 567 30.70 -7.26 -13.05
N GLU A 568 31.59 -6.36 -13.48
CA GLU A 568 31.18 -5.14 -14.14
C GLU A 568 30.37 -5.45 -15.39
N LYS A 569 30.71 -6.53 -16.09
CA LYS A 569 29.97 -6.88 -17.29
C LYS A 569 28.50 -7.10 -17.01
N ILE A 570 28.14 -7.40 -15.75
CA ILE A 570 26.77 -7.71 -15.37
C ILE A 570 25.89 -6.48 -15.56
N LEU A 571 26.51 -5.29 -15.52
CA LEU A 571 25.74 -4.06 -15.60
C LEU A 571 24.85 -4.12 -16.83
N ALA A 572 25.33 -4.82 -17.86
CA ALA A 572 24.70 -4.86 -19.17
C ALA A 572 23.30 -5.43 -19.11
N ARG A 573 23.00 -6.18 -18.03
CA ARG A 573 21.72 -6.86 -17.89
C ARG A 573 20.60 -5.84 -17.84
N ASP A 574 20.85 -4.74 -17.12
CA ASP A 574 19.82 -3.76 -16.85
C ASP A 574 19.89 -2.67 -17.91
N LEU A 575 19.68 -3.07 -19.15
CA LEU A 575 19.73 -2.14 -20.25
C LEU A 575 18.32 -2.02 -20.82
N ARG A 576 17.89 -0.76 -20.91
CA ARG A 576 16.55 -0.38 -21.33
C ARG A 576 16.30 -0.89 -22.74
N LYS A 577 15.05 -1.30 -23.04
CA LYS A 577 14.72 -1.65 -24.41
C LYS A 577 15.11 -0.48 -25.31
N GLU A 578 15.81 -0.78 -26.42
CA GLU A 578 16.28 0.20 -27.38
C GLU A 578 17.41 1.05 -26.82
N GLY A 579 18.05 0.61 -25.73
CA GLY A 579 19.24 1.26 -25.24
C GLY A 579 20.47 0.81 -26.02
N ILE A 580 21.66 1.24 -25.56
CA ILE A 580 22.91 0.93 -26.25
C ILE A 580 24.01 0.47 -25.29
N LEU A 581 24.69 -0.61 -25.69
CA LEU A 581 25.75 -1.17 -24.87
C LEU A 581 27.12 -1.00 -25.55
N ILE A 582 27.91 -0.10 -24.99
CA ILE A 582 29.22 0.18 -25.54
C ILE A 582 30.28 -0.54 -24.72
N THR A 583 31.09 -1.34 -25.39
CA THR A 583 32.13 -2.05 -24.66
C THR A 583 33.50 -1.82 -25.30
N LYS A 584 34.52 -1.68 -24.46
CA LYS A 584 35.87 -1.42 -24.95
C LYS A 584 36.81 -2.48 -24.44
N GLN A 585 37.48 -3.16 -25.37
CA GLN A 585 38.47 -4.18 -25.07
C GLN A 585 39.67 -3.94 -25.98
N GLU A 586 40.81 -3.66 -25.35
CA GLU A 586 42.03 -3.24 -26.05
C GLU A 586 41.74 -1.92 -26.76
N ASN A 587 41.76 -1.89 -28.09
CA ASN A 587 41.49 -0.64 -28.77
C ASN A 587 40.22 -0.71 -29.61
N GLN A 588 39.40 -1.72 -29.34
CA GLN A 588 38.19 -1.85 -30.13
C GLN A 588 36.96 -1.52 -29.29
N VAL A 589 36.01 -0.87 -29.92
CA VAL A 589 34.76 -0.54 -29.25
C VAL A 589 33.57 -1.05 -30.04
N LEU A 590 32.66 -1.72 -29.33
CA LEU A 590 31.41 -2.23 -29.90
C LEU A 590 30.26 -1.30 -29.50
N ILE A 591 29.22 -1.24 -30.36
CA ILE A 591 28.06 -0.39 -30.08
C ILE A 591 26.85 -1.21 -29.61
N GLN A 592 26.47 -2.25 -30.37
CA GLN A 592 25.45 -3.17 -29.89
C GLN A 592 24.16 -2.46 -29.42
N ARG A 593 23.38 -1.87 -30.33
CA ARG A 593 22.05 -1.46 -29.89
C ARG A 593 21.30 -2.67 -29.35
N ALA A 594 20.64 -2.47 -28.20
CA ALA A 594 20.04 -3.52 -27.37
C ALA A 594 19.00 -4.35 -28.12
N GLU A 595 18.19 -3.64 -28.93
CA GLU A 595 17.05 -4.17 -29.66
C GLU A 595 16.14 -3.00 -30.05
#